data_3AEV
#
_entry.id   3AEV
#
_cell.length_a   86.998
_cell.length_b   93.600
_cell.length_c   116.704
_cell.angle_alpha   90.00
_cell.angle_beta   90.00
_cell.angle_gamma   90.00
#
_symmetry.space_group_name_H-M   'P 21 21 21'
#
loop_
_entity.id
_entity.type
_entity.pdbx_description
1 polymer 'Translation initiation factor 2 subunit alpha'
2 polymer 'Putative uncharacterized protein PH1566'
3 polymer "RNA (5'-R(*GP*GP*AP*UP*CP*AP*CP*CP*UP*CP*C)-3')"
#
loop_
_entity_poly.entity_id
_entity_poly.type
_entity_poly.pdbx_seq_one_letter_code
_entity_poly.pdbx_strand_id
1 'polypeptide(L)'
;MPRKAREYPEEGEFVVATVKRIHNYGAFLELDEYPGKEAFMHISEVASTWVRNIRDYLKEGQKVVAKVIRVDPRKGHIDL
SLRRVTQQQRKAKLQEFKRAQKAENLLRLAAEKLGKDFEAAWREVWVPLEEEWGEVYAAFEDAAKDGIEVLKGHVPDEWL
PVLKEIVENYVEVPTVTIDAEFEITVPKPNGVEIIKEALIRARDRANKEKDIEVKFTYQGAPRYRIDITAPDYYKAEEVL
EDIAEEILRVIKQAGGEATLLRKEKRIRKVKKRKK
;
A
2 'polypeptide(L)'
;MGEEFEKLMKKFENVNKDGEIVEDEDEWEEFFKQEEYVKIPKDRIAVLIGKKGQTKKEIEKRTKTKITIDSETGEVWITS
TKETEDPLAVWKARDIVLAIGRGFSPERAFRLLNEGEYLEIINLTDIIIGNEKNALPRVRGRIIGRKGRTRQIIEEMSGA
SVSVYGKTVAIIGNPIQIEIAKTAIEKLARGSPHGSVYRYLERRKKDLELEGAMYYENL
;
B
3 'polyribonucleotide' GGAUCACCUCC C
#
# COMPACT_ATOMS: atom_id res chain seq x y z
N GLU A 7 8.29 -23.51 -9.13
CA GLU A 7 9.69 -23.97 -8.84
C GLU A 7 10.71 -23.47 -9.87
N TYR A 8 10.30 -23.40 -11.13
CA TYR A 8 11.11 -22.80 -12.21
C TYR A 8 10.32 -21.74 -12.99
N PRO A 9 10.99 -20.72 -13.54
CA PRO A 9 10.27 -19.76 -14.36
C PRO A 9 10.01 -20.36 -15.74
N GLU A 10 9.18 -19.72 -16.56
CA GLU A 10 8.92 -20.22 -17.90
C GLU A 10 9.81 -19.56 -18.96
N GLU A 11 10.03 -20.25 -20.08
CA GLU A 11 10.68 -19.67 -21.24
C GLU A 11 9.88 -18.40 -21.56
N GLY A 12 10.56 -17.28 -21.73
CA GLY A 12 9.91 -16.01 -22.05
C GLY A 12 9.53 -15.10 -20.90
N GLU A 13 9.67 -15.59 -19.66
CA GLU A 13 9.35 -14.86 -18.43
C GLU A 13 10.48 -13.89 -18.11
N PHE A 14 10.14 -12.73 -17.58
CA PHE A 14 11.16 -11.80 -17.11
C PHE A 14 11.39 -12.01 -15.58
N VAL A 15 12.62 -11.99 -15.15
CA VAL A 15 12.94 -12.31 -13.78
C VAL A 15 13.90 -11.28 -13.22
N VAL A 16 13.87 -11.10 -11.90
CA VAL A 16 14.86 -10.27 -11.24
C VAL A 16 15.97 -11.23 -10.83
N ALA A 17 17.22 -10.87 -11.07
CA ALA A 17 18.28 -11.77 -10.70
C ALA A 17 19.48 -11.03 -10.16
N THR A 18 20.32 -11.75 -9.43
CA THR A 18 21.52 -11.14 -8.87
C THR A 18 22.78 -11.81 -9.41
N VAL A 19 23.70 -11.00 -9.93
CA VAL A 19 24.96 -11.51 -10.44
C VAL A 19 25.80 -12.09 -9.30
N LYS A 20 26.09 -13.38 -9.36
CA LYS A 20 26.90 -14.03 -8.32
C LYS A 20 28.36 -14.34 -8.75
N ARG A 21 28.59 -14.70 -10.00
CA ARG A 21 29.97 -15.01 -10.46
C ARG A 21 30.15 -14.62 -11.91
N ILE A 22 31.32 -14.08 -12.23
CA ILE A 22 31.59 -13.66 -13.59
C ILE A 22 32.85 -14.33 -14.11
N HIS A 23 32.74 -14.93 -15.30
CA HIS A 23 33.84 -15.61 -15.95
C HIS A 23 34.06 -14.90 -17.27
N ASN A 24 35.00 -15.35 -18.10
CA ASN A 24 35.29 -14.57 -19.29
C ASN A 24 34.21 -14.60 -20.34
N TYR A 25 33.47 -15.70 -20.44
CA TYR A 25 32.44 -15.80 -21.48
C TYR A 25 31.06 -15.94 -20.92
N GLY A 26 30.88 -15.50 -19.69
CA GLY A 26 29.56 -15.58 -19.07
C GLY A 26 29.48 -15.32 -17.59
N ALA A 27 28.24 -15.26 -17.08
CA ALA A 27 28.03 -15.08 -15.65
C ALA A 27 27.01 -16.06 -15.11
N PHE A 28 27.12 -16.34 -13.82
CA PHE A 28 26.07 -17.06 -13.12
C PHE A 28 25.34 -16.07 -12.23
N LEU A 29 24.02 -16.16 -12.19
CA LEU A 29 23.15 -15.28 -11.42
C LEU A 29 22.23 -16.11 -10.56
N GLU A 30 21.92 -15.63 -9.35
CA GLU A 30 20.85 -16.24 -8.56
C GLU A 30 19.54 -15.49 -8.85
N LEU A 31 18.46 -16.23 -8.97
CA LEU A 31 17.16 -15.64 -9.24
C LEU A 31 16.49 -15.17 -7.96
N ASP A 32 16.23 -13.87 -7.83
CA ASP A 32 15.65 -13.39 -6.57
C ASP A 32 14.29 -14.02 -6.19
N GLU A 33 13.45 -14.36 -7.17
CA GLU A 33 12.08 -14.79 -6.88
C GLU A 33 12.00 -16.32 -6.85
N TYR A 34 13.11 -17.00 -7.12
CA TYR A 34 13.14 -18.49 -7.03
C TYR A 34 14.29 -18.95 -6.14
N PRO A 35 14.03 -19.05 -4.82
CA PRO A 35 15.14 -19.06 -3.87
C PRO A 35 16.15 -20.16 -4.17
N GLY A 36 17.39 -19.76 -4.38
CA GLY A 36 18.50 -20.69 -4.52
C GLY A 36 18.68 -21.24 -5.92
N LYS A 37 17.84 -20.77 -6.85
CA LYS A 37 17.89 -21.17 -8.26
C LYS A 37 18.91 -20.33 -9.03
N GLU A 38 19.87 -21.00 -9.65
CA GLU A 38 20.93 -20.31 -10.42
C GLU A 38 20.74 -20.34 -11.92
N ALA A 39 21.18 -19.30 -12.60
CA ALA A 39 21.04 -19.29 -14.06
C ALA A 39 22.30 -18.79 -14.71
N PHE A 40 22.48 -19.17 -15.97
CA PHE A 40 23.65 -18.80 -16.71
C PHE A 40 23.32 -17.67 -17.65
N MET A 41 24.28 -16.78 -17.89
CA MET A 41 24.08 -15.76 -18.90
C MET A 41 25.31 -15.65 -19.76
N HIS A 42 25.17 -16.10 -21.00
CA HIS A 42 26.28 -16.18 -21.90
C HIS A 42 26.75 -14.78 -22.27
N ILE A 43 28.02 -14.64 -22.64
CA ILE A 43 28.53 -13.32 -22.96
C ILE A 43 27.78 -12.63 -24.11
N SER A 44 27.07 -13.40 -24.94
CA SER A 44 26.45 -12.89 -26.15
C SER A 44 25.02 -12.41 -25.89
N GLU A 45 24.62 -12.51 -24.63
CA GLU A 45 23.28 -12.10 -24.24
C GLU A 45 23.34 -10.94 -23.25
N VAL A 46 24.48 -10.27 -23.17
CA VAL A 46 24.68 -9.27 -22.13
C VAL A 46 24.34 -7.90 -22.69
N ALA A 47 24.55 -7.70 -23.98
CA ALA A 47 24.28 -6.40 -24.59
C ALA A 47 24.02 -6.49 -26.08
N SER A 48 23.34 -5.48 -26.62
CA SER A 48 23.04 -5.44 -28.05
C SER A 48 24.24 -5.14 -28.90
N THR A 49 25.28 -4.53 -28.34
CA THR A 49 26.53 -4.43 -29.07
C THR A 49 27.48 -5.54 -28.62
N TRP A 50 28.62 -5.62 -29.30
CA TRP A 50 29.58 -6.66 -29.04
C TRP A 50 30.17 -6.39 -27.69
N VAL A 51 30.28 -7.40 -26.84
CA VAL A 51 30.85 -7.20 -25.52
C VAL A 51 32.26 -7.76 -25.48
N ARG A 52 33.22 -6.88 -25.22
CA ARG A 52 34.61 -7.28 -25.13
C ARG A 52 34.92 -7.81 -23.73
N ASN A 53 34.49 -7.10 -22.69
CA ASN A 53 34.68 -7.56 -21.32
C ASN A 53 33.37 -7.50 -20.54
N ILE A 54 32.97 -8.62 -19.94
CA ILE A 54 31.68 -8.66 -19.26
C ILE A 54 31.65 -7.66 -18.12
N ARG A 55 32.78 -7.50 -17.44
CA ARG A 55 32.83 -6.64 -16.27
C ARG A 55 32.49 -5.20 -16.59
N ASP A 56 32.53 -4.83 -17.87
CA ASP A 56 32.03 -3.55 -18.30
C ASP A 56 30.53 -3.44 -18.15
N TYR A 57 29.87 -4.53 -17.84
CA TYR A 57 28.43 -4.56 -17.80
C TYR A 57 27.85 -5.21 -16.59
N LEU A 58 28.66 -5.98 -15.87
CA LEU A 58 28.18 -6.74 -14.72
C LEU A 58 29.21 -6.68 -13.62
N LYS A 59 28.73 -6.59 -12.39
CA LYS A 59 29.54 -6.57 -11.16
C LYS A 59 28.96 -7.63 -10.29
N GLU A 60 29.79 -8.33 -9.52
CA GLU A 60 29.19 -9.21 -8.53
C GLU A 60 28.30 -8.38 -7.57
N GLY A 61 27.11 -8.93 -7.31
CA GLY A 61 26.12 -8.32 -6.45
C GLY A 61 25.05 -7.54 -7.17
N GLN A 62 25.29 -7.15 -8.42
CA GLN A 62 24.36 -6.32 -9.19
C GLN A 62 23.03 -7.01 -9.43
N LYS A 63 21.94 -6.24 -9.32
CA LYS A 63 20.59 -6.73 -9.56
C LYS A 63 20.13 -6.31 -10.96
N VAL A 64 19.38 -7.18 -11.64
CA VAL A 64 19.17 -7.07 -13.06
C VAL A 64 17.79 -7.66 -13.39
N VAL A 65 17.12 -7.08 -14.39
CA VAL A 65 15.97 -7.74 -14.99
C VAL A 65 16.43 -8.44 -16.24
N ALA A 66 16.07 -9.70 -16.40
CA ALA A 66 16.61 -10.50 -17.47
C ALA A 66 15.52 -11.39 -17.99
N LYS A 67 15.66 -11.85 -19.22
CA LYS A 67 14.63 -12.65 -19.84
C LYS A 67 15.00 -14.11 -19.67
N VAL A 68 14.05 -15.01 -19.54
CA VAL A 68 14.41 -16.43 -19.51
C VAL A 68 14.39 -16.96 -20.94
N ILE A 69 15.55 -17.39 -21.44
CA ILE A 69 15.61 -17.82 -22.83
C ILE A 69 15.61 -19.31 -23.01
N ARG A 70 16.01 -20.03 -21.96
CA ARG A 70 16.05 -21.49 -22.03
C ARG A 70 15.87 -22.01 -20.64
N VAL A 71 15.06 -23.04 -20.52
CA VAL A 71 14.84 -23.61 -19.21
C VAL A 71 14.66 -25.11 -19.38
N ASP A 72 15.49 -25.88 -18.66
CA ASP A 72 15.40 -27.34 -18.63
C ASP A 72 15.12 -27.87 -17.20
N PRO A 73 13.85 -28.19 -16.87
CA PRO A 73 13.52 -28.41 -15.44
C PRO A 73 14.05 -29.73 -14.89
N ARG A 74 14.08 -30.75 -15.73
CA ARG A 74 14.71 -32.01 -15.36
C ARG A 74 16.19 -31.86 -14.96
N LYS A 75 16.96 -31.05 -15.67
CA LYS A 75 18.36 -30.86 -15.27
C LYS A 75 18.52 -29.67 -14.31
N GLY A 76 17.49 -28.83 -14.23
CA GLY A 76 17.59 -27.57 -13.48
C GLY A 76 18.50 -26.51 -14.12
N HIS A 77 18.59 -26.53 -15.45
CA HIS A 77 19.31 -25.50 -16.19
C HIS A 77 18.39 -24.35 -16.56
N ILE A 78 18.87 -23.13 -16.36
CA ILE A 78 18.18 -21.91 -16.77
C ILE A 78 19.16 -20.97 -17.47
N ASP A 79 18.81 -20.47 -18.65
CA ASP A 79 19.60 -19.42 -19.31
C ASP A 79 18.85 -18.10 -19.36
N LEU A 80 19.58 -17.01 -19.18
CA LEU A 80 19.00 -15.71 -19.12
C LEU A 80 19.58 -14.83 -20.20
N SER A 81 18.90 -13.74 -20.51
CA SER A 81 19.43 -12.76 -21.42
C SER A 81 19.10 -11.39 -20.92
N LEU A 82 20.08 -10.49 -20.99
CA LEU A 82 19.87 -9.14 -20.60
C LEU A 82 19.56 -8.30 -21.84
N ARG A 83 20.23 -8.60 -22.96
CA ARG A 83 20.02 -7.82 -24.19
C ARG A 83 18.59 -7.87 -24.72
N ARG A 84 17.88 -8.99 -24.53
CA ARG A 84 16.54 -9.08 -25.13
C ARG A 84 15.43 -8.30 -24.40
N VAL A 85 15.71 -7.80 -23.20
CA VAL A 85 14.75 -7.03 -22.43
C VAL A 85 14.63 -5.62 -23.03
N THR A 86 13.41 -5.18 -23.37
CA THR A 86 13.25 -3.79 -23.87
C THR A 86 12.99 -2.88 -22.68
N GLN A 87 13.14 -1.58 -22.88
CA GLN A 87 12.77 -0.56 -21.90
C GLN A 87 11.42 -0.83 -21.26
N GLN A 88 10.43 -1.09 -22.10
CA GLN A 88 9.07 -1.26 -21.64
C GLN A 88 8.97 -2.50 -20.76
N GLN A 89 9.66 -3.56 -21.18
CA GLN A 89 9.66 -4.82 -20.44
C GLN A 89 10.36 -4.68 -19.11
N ARG A 90 11.44 -3.89 -19.08
CA ARG A 90 12.13 -3.66 -17.82
C ARG A 90 11.17 -2.94 -16.87
N LYS A 91 10.47 -1.95 -17.39
CA LYS A 91 9.66 -1.05 -16.60
C LYS A 91 8.50 -1.84 -16.02
N ALA A 92 7.91 -2.72 -16.83
CA ALA A 92 6.76 -3.51 -16.42
C ALA A 92 7.23 -4.47 -15.35
N LYS A 93 8.33 -5.16 -15.59
CA LYS A 93 8.74 -6.17 -14.64
C LYS A 93 9.00 -5.53 -13.25
N LEU A 94 9.48 -4.31 -13.28
CA LEU A 94 9.91 -3.66 -12.10
C LEU A 94 8.67 -3.22 -11.33
N GLN A 95 7.65 -2.75 -12.05
CA GLN A 95 6.37 -2.44 -11.44
C GLN A 95 5.80 -3.72 -10.81
N GLU A 96 5.83 -4.81 -11.57
CA GLU A 96 5.26 -6.06 -11.12
C GLU A 96 6.00 -6.54 -9.87
N PHE A 97 7.31 -6.36 -9.81
CA PHE A 97 8.13 -6.83 -8.68
C PHE A 97 7.76 -6.00 -7.48
N LYS A 98 7.59 -4.68 -7.65
CA LYS A 98 7.24 -3.82 -6.51
C LYS A 98 5.84 -4.10 -5.93
N ARG A 99 4.93 -4.57 -6.80
CA ARG A 99 3.60 -4.92 -6.37
C ARG A 99 3.64 -6.24 -5.64
N ALA A 100 4.55 -7.14 -6.04
CA ALA A 100 4.67 -8.40 -5.30
C ALA A 100 5.24 -8.17 -3.89
N GLN A 101 6.10 -7.16 -3.70
CA GLN A 101 6.55 -6.79 -2.34
C GLN A 101 5.38 -6.25 -1.50
N LYS A 102 4.45 -5.51 -2.10
CA LYS A 102 3.29 -5.02 -1.38
C LYS A 102 2.39 -6.19 -0.99
N ALA A 103 2.13 -7.05 -1.96
CA ALA A 103 1.21 -8.09 -1.65
C ALA A 103 1.79 -8.88 -0.50
N GLU A 104 3.08 -9.17 -0.55
CA GLU A 104 3.69 -9.99 0.49
C GLU A 104 3.60 -9.34 1.87
N ASN A 105 3.77 -8.03 1.91
CA ASN A 105 3.68 -7.28 3.15
C ASN A 105 2.27 -7.24 3.68
N LEU A 106 1.31 -7.13 2.76
CA LEU A 106 -0.08 -7.16 3.12
C LEU A 106 -0.41 -8.53 3.69
N LEU A 107 0.08 -9.57 3.06
CA LEU A 107 -0.19 -10.91 3.53
C LEU A 107 0.48 -11.18 4.91
N ARG A 108 1.70 -10.70 5.12
CA ARG A 108 2.37 -10.84 6.41
C ARG A 108 1.61 -10.17 7.52
N LEU A 109 1.00 -9.05 7.19
CA LEU A 109 0.22 -8.35 8.16
C LEU A 109 -1.05 -9.14 8.51
N ALA A 110 -1.73 -9.68 7.49
CA ALA A 110 -2.92 -10.47 7.74
C ALA A 110 -2.57 -11.67 8.59
N ALA A 111 -1.47 -12.34 8.27
CA ALA A 111 -1.00 -13.45 9.09
C ALA A 111 -0.77 -13.07 10.55
N GLU A 112 -0.03 -11.98 10.81
CA GLU A 112 0.20 -11.56 12.18
C GLU A 112 -1.16 -11.39 12.87
N LYS A 113 -2.11 -10.72 12.21
CA LYS A 113 -3.44 -10.44 12.78
C LYS A 113 -4.23 -11.69 13.17
N LEU A 114 -3.95 -12.80 12.51
CA LEU A 114 -4.77 -14.00 12.59
C LEU A 114 -4.03 -15.09 13.35
N GLY A 115 -2.76 -14.80 13.66
CA GLY A 115 -1.90 -15.71 14.39
C GLY A 115 -1.43 -16.90 13.59
N LYS A 116 -1.27 -16.75 12.28
CA LYS A 116 -0.82 -17.86 11.47
C LYS A 116 0.60 -17.57 11.15
N ASP A 117 1.46 -18.59 11.13
CA ASP A 117 2.82 -18.33 10.68
C ASP A 117 2.89 -18.17 9.17
N PHE A 118 4.03 -17.68 8.73
CA PHE A 118 4.13 -17.30 7.36
C PHE A 118 4.09 -18.47 6.38
N GLU A 119 4.58 -19.64 6.78
CA GLU A 119 4.51 -20.80 5.91
C GLU A 119 3.04 -21.12 5.56
N ALA A 120 2.18 -20.99 6.56
CA ALA A 120 0.75 -21.16 6.34
C ALA A 120 0.16 -20.09 5.39
N ALA A 121 0.57 -18.85 5.57
CA ALA A 121 -0.02 -17.79 4.79
C ALA A 121 0.32 -18.06 3.35
N TRP A 122 1.54 -18.56 3.14
CA TRP A 122 2.02 -18.87 1.79
C TRP A 122 1.20 -19.97 1.17
N ARG A 123 0.96 -21.01 1.96
CA ARG A 123 0.32 -22.22 1.50
C ARG A 123 -1.18 -22.06 1.33
N GLU A 124 -1.78 -21.19 2.12
CA GLU A 124 -3.23 -21.08 2.14
C GLU A 124 -3.69 -19.89 1.34
N VAL A 125 -2.82 -18.89 1.20
CA VAL A 125 -3.23 -17.68 0.48
C VAL A 125 -2.39 -17.45 -0.76
N TRP A 126 -1.07 -17.37 -0.59
CA TRP A 126 -0.23 -16.91 -1.70
C TRP A 126 -0.31 -17.86 -2.88
N VAL A 127 0.05 -19.10 -2.65
CA VAL A 127 0.12 -20.05 -3.73
C VAL A 127 -1.19 -20.06 -4.53
N PRO A 128 -2.32 -20.36 -3.88
CA PRO A 128 -3.55 -20.43 -4.68
C PRO A 128 -3.92 -19.13 -5.40
N LEU A 129 -3.62 -17.98 -4.81
CA LEU A 129 -3.96 -16.74 -5.46
C LEU A 129 -3.07 -16.49 -6.67
N GLU A 130 -1.78 -16.77 -6.53
CA GLU A 130 -0.86 -16.71 -7.65
C GLU A 130 -1.32 -17.65 -8.79
N GLU A 131 -1.65 -18.90 -8.48
CA GLU A 131 -2.09 -19.83 -9.51
C GLU A 131 -3.26 -19.28 -10.31
N GLU A 132 -4.19 -18.63 -9.62
CA GLU A 132 -5.46 -18.24 -10.25
C GLU A 132 -5.43 -16.91 -10.96
N TRP A 133 -4.81 -15.90 -10.37
CA TRP A 133 -4.83 -14.56 -10.97
C TRP A 133 -3.51 -14.24 -11.66
N GLY A 134 -2.51 -15.08 -11.44
CA GLY A 134 -1.21 -14.86 -12.06
C GLY A 134 -0.34 -13.94 -11.24
N GLU A 135 -0.95 -12.96 -10.58
CA GLU A 135 -0.24 -12.01 -9.74
C GLU A 135 -1.11 -11.86 -8.48
N VAL A 136 -0.56 -12.17 -7.31
CA VAL A 136 -1.28 -11.99 -6.03
C VAL A 136 -1.83 -10.57 -5.89
N TYR A 137 -1.03 -9.53 -6.21
CA TYR A 137 -1.57 -8.17 -6.11
C TYR A 137 -2.86 -8.01 -6.92
N ALA A 138 -2.98 -8.75 -8.03
CA ALA A 138 -4.14 -8.64 -8.88
C ALA A 138 -5.36 -9.22 -8.18
N ALA A 139 -5.17 -10.35 -7.49
CA ALA A 139 -6.24 -10.91 -6.64
C ALA A 139 -6.75 -9.82 -5.72
N PHE A 140 -5.81 -9.24 -4.96
CA PHE A 140 -6.18 -8.15 -4.08
C PHE A 140 -6.85 -7.04 -4.86
N GLU A 141 -6.43 -6.75 -6.07
CA GLU A 141 -7.09 -5.62 -6.79
C GLU A 141 -8.52 -5.98 -7.10
N ASP A 142 -8.76 -7.22 -7.54
CA ASP A 142 -10.13 -7.64 -7.69
C ASP A 142 -10.94 -7.54 -6.40
N ALA A 143 -10.34 -7.95 -5.28
CA ALA A 143 -11.11 -7.95 -4.04
C ALA A 143 -11.49 -6.52 -3.69
N ALA A 144 -10.58 -5.58 -3.93
CA ALA A 144 -10.85 -4.17 -3.69
C ALA A 144 -11.98 -3.62 -4.57
N LYS A 145 -12.11 -4.11 -5.80
CA LYS A 145 -13.08 -3.58 -6.73
C LYS A 145 -14.43 -4.23 -6.53
N ASP A 146 -14.47 -5.54 -6.29
CA ASP A 146 -15.73 -6.30 -6.25
C ASP A 146 -16.09 -6.98 -4.93
N GLY A 147 -15.25 -6.84 -3.92
CA GLY A 147 -15.55 -7.40 -2.60
C GLY A 147 -14.72 -8.63 -2.33
N ILE A 148 -14.40 -8.85 -1.07
CA ILE A 148 -13.53 -9.96 -0.69
C ILE A 148 -14.06 -11.32 -1.13
N GLU A 149 -15.37 -11.44 -1.31
CA GLU A 149 -15.99 -12.68 -1.80
C GLU A 149 -15.37 -13.25 -3.06
N VAL A 150 -14.70 -12.43 -3.85
CA VAL A 150 -14.07 -13.01 -5.02
C VAL A 150 -13.00 -14.03 -4.61
N LEU A 151 -12.53 -13.95 -3.37
CA LEU A 151 -11.53 -14.92 -2.97
C LEU A 151 -12.14 -16.19 -2.40
N LYS A 152 -13.44 -16.15 -2.06
CA LYS A 152 -14.14 -17.28 -1.47
C LYS A 152 -13.91 -18.48 -2.37
N GLY A 153 -13.62 -19.62 -1.77
CA GLY A 153 -13.30 -20.80 -2.57
C GLY A 153 -11.81 -21.05 -2.81
N HIS A 154 -11.03 -19.99 -2.94
CA HIS A 154 -9.61 -20.14 -3.26
C HIS A 154 -8.79 -20.21 -2.00
N VAL A 155 -9.29 -19.56 -0.94
CA VAL A 155 -8.57 -19.49 0.33
C VAL A 155 -9.56 -19.84 1.44
N PRO A 156 -9.06 -20.36 2.59
CA PRO A 156 -9.90 -20.71 3.75
C PRO A 156 -10.76 -19.53 4.19
N ASP A 157 -12.02 -19.77 4.55
CA ASP A 157 -12.93 -18.69 4.96
C ASP A 157 -12.39 -17.80 6.06
N GLU A 158 -11.66 -18.36 7.01
CA GLU A 158 -11.16 -17.56 8.14
C GLU A 158 -10.26 -16.40 7.73
N TRP A 159 -9.67 -16.48 6.53
CA TRP A 159 -8.79 -15.42 6.02
C TRP A 159 -9.61 -14.24 5.49
N LEU A 160 -10.87 -14.46 5.12
CA LEU A 160 -11.61 -13.41 4.43
C LEU A 160 -11.77 -12.14 5.26
N PRO A 161 -12.21 -12.25 6.52
CA PRO A 161 -12.45 -10.99 7.23
C PRO A 161 -11.20 -10.10 7.36
N VAL A 162 -10.04 -10.70 7.50
CA VAL A 162 -8.88 -9.89 7.80
C VAL A 162 -8.25 -9.45 6.50
N LEU A 163 -8.17 -10.35 5.52
CA LEU A 163 -7.82 -9.92 4.18
C LEU A 163 -8.76 -8.82 3.76
N LYS A 164 -10.03 -8.85 4.13
CA LYS A 164 -10.93 -7.77 3.72
C LYS A 164 -10.53 -6.39 4.27
N GLU A 165 -10.23 -6.35 5.55
CA GLU A 165 -9.85 -5.11 6.20
C GLU A 165 -8.58 -4.54 5.55
N ILE A 166 -7.58 -5.39 5.37
CA ILE A 166 -6.33 -4.97 4.78
C ILE A 166 -6.44 -4.52 3.32
N VAL A 167 -7.12 -5.29 2.47
CA VAL A 167 -7.13 -4.84 1.08
C VAL A 167 -7.93 -3.58 0.95
N GLU A 168 -9.09 -3.52 1.61
CA GLU A 168 -9.89 -2.31 1.51
C GLU A 168 -9.14 -1.05 1.92
N ASN A 169 -8.18 -1.16 2.82
CA ASN A 169 -7.58 0.06 3.27
C ASN A 169 -6.33 0.40 2.53
N TYR A 170 -5.78 -0.57 1.81
CA TYR A 170 -4.42 -0.42 1.26
C TYR A 170 -4.28 -0.62 -0.27
N VAL A 171 -5.26 -1.26 -0.90
CA VAL A 171 -5.16 -1.37 -2.31
C VAL A 171 -6.24 -0.62 -3.06
N GLU A 172 -5.82 0.36 -3.84
CA GLU A 172 -6.69 1.13 -4.71
C GLU A 172 -7.37 0.31 -5.81
N VAL A 173 -8.58 0.70 -6.21
CA VAL A 173 -9.18 0.02 -7.35
C VAL A 173 -8.56 0.69 -8.56
N PRO A 174 -8.07 -0.11 -9.53
CA PRO A 174 -7.25 0.43 -10.63
C PRO A 174 -7.91 1.55 -11.42
N ASP B 26 20.62 3.84 -6.20
CA ASP B 26 19.92 3.72 -7.52
C ASP B 26 19.47 2.29 -7.80
N GLU B 27 20.24 1.29 -7.36
CA GLU B 27 19.75 -0.10 -7.36
C GLU B 27 18.50 -0.13 -6.51
N TRP B 28 18.61 0.41 -5.31
CA TRP B 28 17.51 0.46 -4.37
C TRP B 28 16.32 1.27 -4.90
N GLU B 29 16.58 2.48 -5.37
CA GLU B 29 15.57 3.28 -6.07
C GLU B 29 14.75 2.43 -7.05
N GLU B 30 15.44 1.72 -7.93
CA GLU B 30 14.82 0.98 -9.02
C GLU B 30 14.10 -0.31 -8.62
N PHE B 31 14.56 -1.00 -7.56
CA PHE B 31 13.97 -2.29 -7.22
C PHE B 31 13.16 -2.29 -5.93
N PHE B 32 13.35 -1.30 -5.07
CA PHE B 32 12.69 -1.38 -3.78
C PHE B 32 11.86 -0.18 -3.29
N LYS B 33 12.26 1.02 -3.67
CA LYS B 33 11.56 2.25 -3.27
C LYS B 33 10.03 2.15 -3.46
N GLN B 34 9.29 2.37 -2.38
CA GLN B 34 7.83 2.56 -2.55
C GLN B 34 7.54 4.05 -2.52
N GLU B 35 6.69 4.51 -3.43
CA GLU B 35 6.35 5.92 -3.47
C GLU B 35 4.87 6.13 -3.66
N GLU B 36 4.35 7.10 -2.92
CA GLU B 36 2.96 7.54 -3.02
C GLU B 36 2.85 9.02 -3.28
N TYR B 37 1.80 9.40 -3.96
CA TYR B 37 1.61 10.78 -4.35
C TYR B 37 0.23 11.23 -3.94
N VAL B 38 0.13 12.31 -3.18
CA VAL B 38 -1.18 12.94 -2.98
C VAL B 38 -1.11 14.44 -3.20
N LYS B 39 -2.26 15.11 -3.10
CA LYS B 39 -2.37 16.55 -3.25
C LYS B 39 -3.31 17.10 -2.15
N ILE B 40 -2.80 17.91 -1.23
CA ILE B 40 -3.66 18.46 -0.17
C ILE B 40 -4.01 19.92 -0.47
N PRO B 41 -5.20 20.39 -0.04
CA PRO B 41 -5.59 21.81 -0.21
C PRO B 41 -4.58 22.87 0.23
N LYS B 42 -4.60 24.00 -0.48
CA LYS B 42 -3.61 25.05 -0.32
C LYS B 42 -3.46 25.51 1.14
N ASP B 43 -4.56 25.78 1.82
CA ASP B 43 -4.40 26.33 3.16
C ASP B 43 -4.08 25.32 4.29
N ARG B 44 -3.84 24.08 3.92
CA ARG B 44 -3.36 23.09 4.89
C ARG B 44 -1.85 22.91 4.77
N ILE B 45 -1.26 23.47 3.71
CA ILE B 45 0.17 23.30 3.49
C ILE B 45 0.95 23.76 4.71
N ALA B 46 0.62 24.96 5.20
CA ALA B 46 1.27 25.53 6.38
C ALA B 46 1.30 24.51 7.54
N VAL B 47 0.16 23.88 7.79
CA VAL B 47 0.01 22.97 8.90
C VAL B 47 0.84 21.72 8.72
N LEU B 48 0.87 21.18 7.51
CA LEU B 48 1.67 19.96 7.23
C LEU B 48 3.16 20.17 7.48
N ILE B 49 3.66 21.31 7.03
CA ILE B 49 5.05 21.67 7.24
C ILE B 49 5.33 21.90 8.72
N GLY B 50 4.61 22.85 9.33
CA GLY B 50 4.83 23.23 10.73
C GLY B 50 5.94 24.25 10.91
N LYS B 51 5.90 24.94 12.06
CA LYS B 51 6.94 25.92 12.39
C LYS B 51 8.33 25.28 12.31
N LYS B 52 9.17 25.83 11.44
CA LYS B 52 10.54 25.34 11.15
C LYS B 52 10.57 23.93 10.50
N GLY B 53 9.47 23.54 9.90
CA GLY B 53 9.33 22.21 9.31
C GLY B 53 9.16 21.08 10.32
N GLN B 54 9.00 21.44 11.60
CA GLN B 54 8.90 20.46 12.69
C GLN B 54 7.85 19.35 12.48
N THR B 55 6.72 19.69 11.89
CA THR B 55 5.66 18.71 11.73
C THR B 55 6.06 17.68 10.67
N LYS B 56 6.39 18.14 9.47
CA LYS B 56 6.91 17.25 8.44
C LYS B 56 8.06 16.42 9.00
N LYS B 57 8.99 17.05 9.70
CA LYS B 57 10.10 16.30 10.28
C LYS B 57 9.66 15.21 11.25
N GLU B 58 8.57 15.43 11.99
CA GLU B 58 8.07 14.39 12.93
C GLU B 58 7.43 13.24 12.20
N ILE B 59 6.63 13.54 11.20
CA ILE B 59 6.09 12.48 10.35
C ILE B 59 7.22 11.62 9.79
N GLU B 60 8.19 12.28 9.13
CA GLU B 60 9.42 11.61 8.63
C GLU B 60 10.08 10.77 9.71
N LYS B 61 10.35 11.38 10.86
CA LYS B 61 11.00 10.66 11.94
C LYS B 61 10.16 9.46 12.35
N ARG B 62 8.87 9.68 12.54
CA ARG B 62 8.04 8.67 13.17
C ARG B 62 7.72 7.51 12.24
N THR B 63 7.78 7.75 10.94
CA THR B 63 7.54 6.67 9.99
C THR B 63 8.79 6.19 9.24
N LYS B 64 9.96 6.79 9.52
CA LYS B 64 11.17 6.61 8.71
C LYS B 64 10.89 6.70 7.21
N THR B 65 10.15 7.71 6.78
CA THR B 65 9.94 7.96 5.36
C THR B 65 10.52 9.30 5.02
N LYS B 66 10.38 9.70 3.77
CA LYS B 66 10.94 10.95 3.28
C LYS B 66 9.78 11.66 2.62
N ILE B 67 9.47 12.87 3.07
CA ILE B 67 8.31 13.56 2.54
C ILE B 67 8.64 14.86 1.78
N THR B 68 8.16 14.99 0.56
CA THR B 68 8.47 16.15 -0.25
C THR B 68 7.22 16.93 -0.56
N ILE B 69 7.20 18.19 -0.15
CA ILE B 69 6.05 19.07 -0.34
C ILE B 69 6.31 20.22 -1.30
N ASP B 70 5.43 20.38 -2.29
CA ASP B 70 5.47 21.53 -3.21
C ASP B 70 4.58 22.67 -2.71
N SER B 71 5.23 23.72 -2.20
CA SER B 71 4.57 24.86 -1.53
C SER B 71 3.51 25.59 -2.38
N GLU B 72 3.68 25.57 -3.70
CA GLU B 72 2.77 26.25 -4.61
C GLU B 72 1.50 25.41 -4.86
N THR B 73 1.67 24.18 -5.35
CA THR B 73 0.56 23.38 -5.90
C THR B 73 -0.14 22.49 -4.90
N GLY B 74 0.53 22.20 -3.78
CA GLY B 74 0.02 21.31 -2.72
C GLY B 74 0.31 19.82 -2.92
N GLU B 75 1.08 19.49 -3.95
CA GLU B 75 1.44 18.11 -4.24
C GLU B 75 2.39 17.60 -3.17
N VAL B 76 2.16 16.39 -2.68
CA VAL B 76 3.07 15.77 -1.73
C VAL B 76 3.56 14.42 -2.22
N TRP B 77 4.85 14.17 -2.04
CA TRP B 77 5.45 12.87 -2.36
C TRP B 77 5.94 12.21 -1.08
N ILE B 78 5.57 10.94 -0.89
CA ILE B 78 6.04 10.18 0.24
C ILE B 78 6.79 8.96 -0.28
N THR B 79 8.04 8.77 0.15
CA THR B 79 8.77 7.59 -0.28
C THR B 79 9.44 6.84 0.87
N SER B 80 9.72 5.56 0.68
CA SER B 80 10.51 4.81 1.65
C SER B 80 11.94 5.32 1.62
N THR B 81 12.77 4.85 2.57
CA THR B 81 14.24 5.05 2.56
C THR B 81 14.98 3.76 2.92
N LYS B 82 16.28 3.76 2.73
CA LYS B 82 17.07 2.62 3.15
C LYS B 82 16.83 2.30 4.64
N GLU B 83 16.46 3.32 5.42
CA GLU B 83 16.29 3.20 6.87
C GLU B 83 14.94 2.60 7.26
N THR B 84 14.00 2.66 6.33
CA THR B 84 12.63 2.25 6.60
C THR B 84 12.51 0.82 7.09
N GLU B 85 11.75 0.64 8.16
CA GLU B 85 11.75 -0.59 8.98
C GLU B 85 10.36 -1.21 8.99
N ASP B 86 9.34 -0.36 8.93
CA ASP B 86 7.94 -0.77 8.85
C ASP B 86 7.52 -0.77 7.37
N PRO B 87 7.21 -1.95 6.82
CA PRO B 87 6.88 -2.08 5.41
C PRO B 87 5.63 -1.29 4.99
N LEU B 88 4.69 -1.10 5.92
CA LEU B 88 3.47 -0.32 5.62
C LEU B 88 3.63 1.18 5.87
N ALA B 89 4.79 1.58 6.37
CA ALA B 89 5.02 2.97 6.75
C ALA B 89 4.73 4.01 5.66
N VAL B 90 4.97 3.71 4.41
CA VAL B 90 4.72 4.71 3.39
C VAL B 90 3.24 5.04 3.41
N TRP B 91 2.41 4.00 3.49
CA TRP B 91 0.97 4.17 3.50
C TRP B 91 0.45 4.90 4.75
N LYS B 92 1.00 4.57 5.92
CA LYS B 92 0.65 5.30 7.12
C LYS B 92 0.99 6.78 6.97
N ALA B 93 2.17 7.09 6.43
CA ALA B 93 2.57 8.49 6.31
C ALA B 93 1.65 9.19 5.36
N ARG B 94 1.31 8.51 4.28
CA ARG B 94 0.42 9.06 3.30
C ARG B 94 -0.95 9.39 3.93
N ASP B 95 -1.40 8.55 4.85
CA ASP B 95 -2.69 8.75 5.44
C ASP B 95 -2.68 9.91 6.43
N ILE B 96 -1.59 10.06 7.16
CA ILE B 96 -1.44 11.18 8.05
C ILE B 96 -1.43 12.47 7.22
N VAL B 97 -0.81 12.42 6.06
CA VAL B 97 -0.80 13.57 5.20
C VAL B 97 -2.23 13.89 4.80
N LEU B 98 -3.00 12.90 4.38
CA LEU B 98 -4.39 13.17 3.99
C LEU B 98 -5.24 13.67 5.16
N ALA B 99 -5.05 13.08 6.35
CA ALA B 99 -5.82 13.50 7.50
C ALA B 99 -5.56 14.99 7.74
N ILE B 100 -4.28 15.36 7.68
CA ILE B 100 -3.94 16.75 7.94
C ILE B 100 -4.61 17.58 6.85
N GLY B 101 -4.61 17.03 5.63
CA GLY B 101 -5.19 17.72 4.52
C GLY B 101 -6.69 17.89 4.71
N ARG B 102 -7.33 16.97 5.43
CA ARG B 102 -8.76 17.07 5.53
C ARG B 102 -9.22 17.61 6.89
N GLY B 103 -8.34 18.37 7.53
CA GLY B 103 -8.72 19.12 8.69
C GLY B 103 -8.21 18.67 10.03
N PHE B 104 -7.65 17.48 10.12
CA PHE B 104 -7.10 17.06 11.41
C PHE B 104 -5.85 17.84 11.74
N SER B 105 -5.63 18.16 13.02
CA SER B 105 -4.32 18.62 13.45
C SER B 105 -3.35 17.45 13.46
N PRO B 106 -2.05 17.74 13.28
CA PRO B 106 -1.02 16.69 13.38
C PRO B 106 -1.19 15.82 14.61
N GLU B 107 -1.34 16.41 15.80
CA GLU B 107 -1.55 15.57 16.97
C GLU B 107 -2.67 14.55 16.69
N ARG B 108 -3.82 15.02 16.23
CA ARG B 108 -4.94 14.10 16.04
C ARG B 108 -4.69 13.10 14.90
N ALA B 109 -4.05 13.56 13.82
CA ALA B 109 -3.69 12.65 12.73
C ALA B 109 -2.70 11.54 13.13
N PHE B 110 -1.86 11.81 14.11
CA PHE B 110 -0.92 10.81 14.58
C PHE B 110 -1.56 9.57 15.16
N ARG B 111 -2.89 9.60 15.34
CA ARG B 111 -3.59 8.43 15.78
C ARG B 111 -3.39 7.30 14.76
N LEU B 112 -3.22 7.66 13.49
CA LEU B 112 -3.14 6.72 12.40
C LEU B 112 -1.90 5.82 12.46
N LEU B 113 -1.00 6.11 13.41
CA LEU B 113 0.16 5.24 13.67
C LEU B 113 -0.15 4.06 14.57
N ASN B 114 -1.31 4.05 15.24
CA ASN B 114 -1.71 2.88 16.00
C ASN B 114 -2.07 1.71 15.11
N GLU B 115 -1.98 0.50 15.66
CA GLU B 115 -2.26 -0.68 14.86
C GLU B 115 -3.75 -0.72 14.56
N GLY B 116 -4.08 -0.96 13.31
CA GLY B 116 -5.45 -1.24 12.92
C GLY B 116 -6.35 -0.03 13.00
N GLU B 117 -5.81 1.14 12.71
CA GLU B 117 -6.62 2.32 12.64
C GLU B 117 -6.43 2.97 11.29
N TYR B 118 -7.55 3.36 10.68
CA TYR B 118 -7.60 3.69 9.29
C TYR B 118 -8.27 5.03 9.18
N LEU B 119 -8.03 5.70 8.06
CA LEU B 119 -8.63 6.96 7.72
C LEU B 119 -9.66 6.73 6.66
N GLU B 120 -10.82 7.33 6.82
CA GLU B 120 -11.92 7.19 5.88
C GLU B 120 -12.42 8.58 5.54
N ILE B 121 -12.50 8.89 4.24
CA ILE B 121 -12.94 10.21 3.82
C ILE B 121 -14.29 10.13 3.11
N ILE B 122 -15.30 10.79 3.69
CA ILE B 122 -16.64 10.82 3.13
C ILE B 122 -16.84 12.11 2.39
N ASN B 123 -17.34 12.02 1.17
CA ASN B 123 -17.74 13.20 0.45
C ASN B 123 -19.17 13.59 0.69
N LEU B 124 -19.35 14.69 1.43
CA LEU B 124 -20.69 15.15 1.74
C LEU B 124 -21.60 15.27 0.52
N THR B 125 -21.08 15.89 -0.54
CA THR B 125 -21.82 16.04 -1.80
C THR B 125 -22.36 14.74 -2.40
N ASP B 126 -21.77 13.61 -2.02
CA ASP B 126 -22.28 12.31 -2.45
C ASP B 126 -23.47 11.83 -1.62
N ILE B 127 -23.77 12.49 -0.52
CA ILE B 127 -24.91 12.07 0.31
C ILE B 127 -26.15 12.98 0.20
N ILE B 128 -26.04 14.21 0.68
CA ILE B 128 -27.06 15.23 0.45
C ILE B 128 -28.11 14.86 -0.64
N ALA B 135 -27.05 24.15 1.29
CA ALA B 135 -27.41 22.83 1.83
C ALA B 135 -26.18 22.14 2.39
N LEU B 136 -25.04 22.40 1.74
CA LEU B 136 -23.77 21.92 2.24
C LEU B 136 -23.42 22.62 3.56
N PRO B 137 -23.27 23.96 3.55
CA PRO B 137 -22.98 24.66 4.82
C PRO B 137 -23.93 24.26 5.97
N ARG B 138 -25.17 23.97 5.63
CA ARG B 138 -26.17 23.59 6.63
C ARG B 138 -25.88 22.21 7.19
N VAL B 139 -25.56 21.25 6.34
CA VAL B 139 -25.29 19.89 6.78
C VAL B 139 -24.03 19.87 7.62
N ARG B 140 -23.04 20.66 7.23
CA ARG B 140 -21.86 20.78 8.04
C ARG B 140 -22.24 21.14 9.49
N GLY B 141 -23.18 22.07 9.64
CA GLY B 141 -23.54 22.62 10.93
C GLY B 141 -24.40 21.68 11.74
N ARG B 142 -24.99 20.71 11.06
CA ARG B 142 -25.78 19.70 11.70
C ARG B 142 -24.85 18.62 12.23
N ILE B 143 -23.80 18.32 11.49
CA ILE B 143 -22.77 17.40 11.98
C ILE B 143 -21.99 18.01 13.11
N ILE B 144 -21.57 19.27 12.97
CA ILE B 144 -20.81 19.90 14.05
C ILE B 144 -21.69 20.03 15.32
N GLY B 145 -22.92 20.53 15.11
CA GLY B 145 -23.86 20.84 16.18
C GLY B 145 -23.52 22.12 16.92
N ARG B 146 -24.50 22.72 17.60
CA ARG B 146 -24.25 23.93 18.40
C ARG B 146 -22.98 23.74 19.20
N LYS B 147 -21.98 24.62 19.01
CA LYS B 147 -20.74 24.55 19.81
C LYS B 147 -20.04 23.17 19.70
N GLY B 148 -20.34 22.45 18.63
CA GLY B 148 -19.62 21.24 18.31
C GLY B 148 -20.03 20.11 19.19
N ARG B 149 -21.18 20.25 19.84
CA ARG B 149 -21.74 19.19 20.66
C ARG B 149 -22.01 17.90 19.87
N THR B 150 -22.47 18.05 18.63
CA THR B 150 -22.78 16.85 17.84
C THR B 150 -21.52 16.07 17.52
N ARG B 151 -20.50 16.81 17.06
CA ARG B 151 -19.25 16.17 16.72
C ARG B 151 -18.70 15.48 17.91
N GLN B 152 -18.77 16.13 19.07
CA GLN B 152 -18.15 15.59 20.28
C GLN B 152 -18.91 14.35 20.68
N ILE B 153 -20.25 14.36 20.56
CA ILE B 153 -21.02 13.18 20.96
C ILE B 153 -20.71 12.03 19.98
N ILE B 154 -20.67 12.34 18.69
CA ILE B 154 -20.33 11.29 17.77
C ILE B 154 -18.95 10.69 18.13
N GLU B 155 -17.96 11.54 18.39
CA GLU B 155 -16.63 11.02 18.71
C GLU B 155 -16.68 10.14 19.96
N GLU B 156 -17.30 10.64 21.03
CA GLU B 156 -17.37 9.88 22.27
C GLU B 156 -18.08 8.52 22.15
N MET B 157 -19.13 8.48 21.34
CA MET B 157 -19.96 7.30 21.28
C MET B 157 -19.40 6.31 20.29
N SER B 158 -18.76 6.78 19.25
CA SER B 158 -18.23 5.88 18.24
C SER B 158 -16.82 5.45 18.62
N GLY B 159 -16.11 6.28 19.37
CA GLY B 159 -14.71 6.04 19.63
C GLY B 159 -13.79 6.56 18.54
N ALA B 160 -14.37 7.12 17.47
CA ALA B 160 -13.60 7.62 16.31
C ALA B 160 -13.31 9.12 16.39
N SER B 161 -12.31 9.61 15.67
CA SER B 161 -11.98 11.04 15.60
C SER B 161 -12.64 11.59 14.36
N VAL B 162 -13.21 12.78 14.42
CA VAL B 162 -13.92 13.28 13.29
C VAL B 162 -13.47 14.67 12.94
N SER B 163 -13.15 14.92 11.67
CA SER B 163 -12.86 16.29 11.19
C SER B 163 -13.83 16.69 10.10
N VAL B 164 -14.46 17.85 10.26
CA VAL B 164 -15.40 18.34 9.26
C VAL B 164 -14.68 19.52 8.62
N TYR B 165 -14.57 19.51 7.31
CA TYR B 165 -13.71 20.47 6.61
C TYR B 165 -14.10 20.48 5.14
N GLY B 166 -14.36 21.68 4.62
CA GLY B 166 -14.68 21.86 3.20
C GLY B 166 -15.86 20.99 2.79
N LYS B 167 -15.67 20.16 1.75
CA LYS B 167 -16.76 19.31 1.28
C LYS B 167 -16.72 17.89 1.79
N THR B 168 -15.78 17.59 2.69
CA THR B 168 -15.63 16.24 3.26
C THR B 168 -15.72 16.20 4.78
N VAL B 169 -16.09 15.03 5.30
CA VAL B 169 -15.93 14.74 6.73
C VAL B 169 -15.04 13.51 6.82
N ALA B 170 -13.97 13.59 7.61
CA ALA B 170 -12.95 12.54 7.68
C ALA B 170 -12.97 11.87 9.04
N ILE B 171 -12.87 10.56 9.07
CA ILE B 171 -12.96 9.84 10.33
C ILE B 171 -11.69 9.02 10.56
N ILE B 172 -11.08 9.06 11.76
CA ILE B 172 -10.01 8.11 12.10
C ILE B 172 -10.55 7.11 13.12
N GLY B 173 -10.27 5.81 12.95
CA GLY B 173 -10.62 4.82 13.98
C GLY B 173 -10.41 3.40 13.48
N ASN B 174 -10.78 2.39 14.25
CA ASN B 174 -10.83 1.03 13.68
C ASN B 174 -12.16 0.83 12.94
N PRO B 175 -12.27 -0.26 12.13
CA PRO B 175 -13.43 -0.32 11.23
C PRO B 175 -14.77 -0.25 11.96
N ILE B 176 -14.89 -0.88 13.14
CA ILE B 176 -16.12 -0.74 13.92
C ILE B 176 -16.39 0.72 14.31
N GLN B 177 -15.41 1.38 14.90
CA GLN B 177 -15.55 2.82 15.23
C GLN B 177 -15.90 3.64 13.99
N ILE B 178 -15.25 3.35 12.86
CA ILE B 178 -15.54 4.08 11.64
C ILE B 178 -16.97 3.84 11.16
N GLU B 179 -17.44 2.60 11.23
CA GLU B 179 -18.78 2.35 10.74
C GLU B 179 -19.86 3.02 11.62
N ILE B 180 -19.62 3.13 12.93
CA ILE B 180 -20.59 3.81 13.76
C ILE B 180 -20.64 5.31 13.41
N ALA B 181 -19.48 5.93 13.34
CA ALA B 181 -19.49 7.36 13.11
C ALA B 181 -20.03 7.60 11.70
N LYS B 182 -19.60 6.77 10.75
CA LYS B 182 -20.03 6.92 9.36
C LYS B 182 -21.55 6.90 9.29
N THR B 183 -22.16 5.90 9.91
CA THR B 183 -23.59 5.78 9.85
C THR B 183 -24.26 7.03 10.45
N ALA B 184 -23.85 7.45 11.63
CA ALA B 184 -24.47 8.60 12.27
C ALA B 184 -24.33 9.83 11.38
N ILE B 185 -23.17 10.01 10.78
CA ILE B 185 -22.95 11.19 9.96
C ILE B 185 -23.87 11.14 8.75
N GLU B 186 -23.95 9.97 8.11
CA GLU B 186 -24.86 9.79 6.98
C GLU B 186 -26.30 10.07 7.40
N LYS B 187 -26.73 9.56 8.57
CA LYS B 187 -28.10 9.85 9.00
C LYS B 187 -28.34 11.38 9.05
N LEU B 188 -27.37 12.13 9.57
CA LEU B 188 -27.53 13.58 9.70
C LEU B 188 -27.57 14.26 8.36
N ALA B 189 -26.79 13.75 7.42
CA ALA B 189 -26.79 14.32 6.09
C ALA B 189 -28.11 14.07 5.38
N ARG B 190 -28.63 12.85 5.45
CA ARG B 190 -29.90 12.47 4.80
C ARG B 190 -31.16 13.06 5.47
N GLY B 191 -30.98 13.79 6.57
CA GLY B 191 -32.07 14.55 7.19
C GLY B 191 -32.67 14.03 8.49
N SER B 192 -32.09 12.99 9.08
CA SER B 192 -32.59 12.48 10.37
C SER B 192 -32.52 13.55 11.45
N PRO B 193 -33.56 13.64 12.28
CA PRO B 193 -33.45 14.53 13.42
C PRO B 193 -32.35 14.09 14.43
N HIS B 194 -31.71 15.05 15.08
CA HIS B 194 -30.62 14.77 16.02
C HIS B 194 -30.94 13.71 17.06
N GLY B 195 -32.11 13.83 17.66
CA GLY B 195 -32.57 12.84 18.60
C GLY B 195 -32.34 11.43 18.10
N SER B 196 -32.86 11.06 16.93
CA SER B 196 -32.74 9.64 16.58
C SER B 196 -31.29 9.27 16.33
N VAL B 197 -30.46 10.24 15.94
CA VAL B 197 -29.06 9.91 15.76
C VAL B 197 -28.45 9.52 17.10
N TYR B 198 -28.69 10.33 18.13
CA TYR B 198 -28.13 10.05 19.44
C TYR B 198 -28.66 8.72 19.91
N ARG B 199 -29.95 8.49 19.72
CA ARG B 199 -30.53 7.21 20.12
C ARG B 199 -29.90 6.06 19.37
N TYR B 200 -29.58 6.28 18.09
CA TYR B 200 -28.86 5.28 17.31
C TYR B 200 -27.48 4.96 17.91
N LEU B 201 -26.68 5.99 18.13
CA LEU B 201 -25.44 5.88 18.85
C LEU B 201 -25.61 5.19 20.21
N GLU B 202 -26.66 5.55 20.94
CA GLU B 202 -26.92 4.93 22.24
C GLU B 202 -27.12 3.43 22.04
N ARG B 203 -27.83 3.09 20.98
CA ARG B 203 -28.10 1.70 20.65
C ARG B 203 -26.80 0.93 20.38
N ARG B 204 -25.92 1.48 19.54
CA ARG B 204 -24.70 0.78 19.14
C ARG B 204 -23.72 0.58 20.30
N LYS B 205 -23.54 1.60 21.13
CA LYS B 205 -22.68 1.44 22.30
C LYS B 205 -23.24 0.30 23.14
N LYS B 206 -24.57 0.32 23.35
CA LYS B 206 -25.21 -0.68 24.19
C LYS B 206 -24.95 -2.10 23.67
N ASP B 207 -24.49 -2.23 22.43
CA ASP B 207 -24.03 -3.51 21.90
C ASP B 207 -22.54 -3.76 22.23
N LEU B 208 -22.29 -3.92 23.54
CA LEU B 208 -21.00 -4.32 24.10
C LEU B 208 -21.24 -4.97 25.48
#